data_1HBX
#
_entry.id   1HBX
#
_cell.length_a   142.680
_cell.length_b   144.390
_cell.length_c   75.930
_cell.angle_alpha   90.00
_cell.angle_beta   90.00
_cell.angle_gamma   90.00
#
_symmetry.space_group_name_H-M   'P 21 21 2'
#
loop_
_entity.id
_entity.type
_entity.pdbx_description
1 polymer 'SERUM RESPONSE FACTOR'
2 polymer "5'-D(*GP*AP*TP*GP*GP*CP*CP*TP*AP*AP*TP*TP*AP* GP*GP*AP*CP*TP*TP*CP*CP*GP*GP*TP*G)-3'"
3 polymer 'ETS-DOMAIN PROTEIN ELK-4'
4 polymer "5'-D(*CP*AP*CP*AP*CP*CP*GP*GP*AP*AP*GP*TP*CP* CP*TP*AP*AP*TP*TP*AP*GP*GP*CP*CP*AP*T)-3'"
#
loop_
_entity_poly.entity_id
_entity_poly.type
_entity_poly.pdbx_seq_one_letter_code
_entity_poly.pdbx_strand_id
1 'polypeptide(L)'
;SGAKPGKKTRGRVKIKMEFIDNKLRRYTTFSKRKTGIMKKAYELSTLTGTQVLLLVASETGHVYTFATRKLQPMITSETG
KALIQTCLNSPD
;
A,B,D,E
2 'polydeoxyribonucleotide'
;(DG)(DA)(DT)(DG)(DG)(DC)(DC)(DT)(DA)(DA)(DT)(DT)(DA)(DG)(DG)(DA)(DC)(DT)(DT)(DC)
(DC)(DG)(DG)(DT)(DG)(DT)
;
C,F
3 'polypeptide(L)'
;GSDSAITLWQFLLQLLQKPQNKHMICWTSNDGQFKLLQAEEVARLWGIRKNKPNMNYDKLSRALRYYYVKNIIKKVNGQK
FVYKFVSYPEILNMDPMTVGRIEGDCESLNFSEVSSSSKDVENGGKDKPPQPGAKTSSRNDYIHSGLYSSFTLNSLN
;
G,H
4 'polydeoxyribonucleotide'
;(DC)(DA)(DC)(DA)(DC)(DC)(DG)(DG)(DA)(DA)(DG)(DT)(DC)(DC)(DT)(DA)(DA)(DT)(DT)(DA)
(DG)(DG)(DC)(DC)(DA)(DT)
;
W,X
#
loop_
_chem_comp.id
_chem_comp.type
_chem_comp.name
_chem_comp.formula
DA DNA linking 2'-DEOXYADENOSINE-5'-MONOPHOSPHATE 'C10 H14 N5 O6 P'
DC DNA linking 2'-DEOXYCYTIDINE-5'-MONOPHOSPHATE 'C9 H14 N3 O7 P'
DG DNA linking 2'-DEOXYGUANOSINE-5'-MONOPHOSPHATE 'C10 H14 N5 O7 P'
DT DNA linking THYMIDINE-5'-MONOPHOSPHATE 'C10 H15 N2 O8 P'
#
# COMPACT_ATOMS: atom_id res chain seq x y z
N GLY A 6 -19.37 -42.55 4.66
CA GLY A 6 -18.62 -41.87 5.76
C GLY A 6 -19.01 -40.42 5.92
N LYS A 7 -18.32 -39.54 5.20
CA LYS A 7 -18.59 -38.11 5.26
C LYS A 7 -19.74 -37.76 4.33
N LYS A 8 -20.15 -36.49 4.33
CA LYS A 8 -21.25 -36.05 3.50
C LYS A 8 -20.84 -35.76 2.05
N THR A 9 -19.55 -35.90 1.74
CA THR A 9 -19.07 -35.66 0.39
C THR A 9 -17.64 -36.15 0.19
N ARG A 10 -17.37 -36.75 -0.96
CA ARG A 10 -16.05 -37.28 -1.27
C ARG A 10 -14.90 -36.31 -1.01
N GLY A 11 -15.24 -35.05 -0.77
CA GLY A 11 -14.22 -34.05 -0.54
C GLY A 11 -13.53 -33.78 -1.86
N ARG A 12 -12.33 -33.21 -1.81
CA ARG A 12 -11.60 -32.95 -3.03
C ARG A 12 -11.06 -34.25 -3.57
N VAL A 13 -11.15 -34.44 -4.88
CA VAL A 13 -10.67 -35.66 -5.51
C VAL A 13 -9.46 -35.40 -6.40
N LYS A 14 -8.47 -36.30 -6.34
CA LYS A 14 -7.26 -36.15 -7.14
C LYS A 14 -7.66 -36.34 -8.58
N ILE A 15 -7.21 -35.45 -9.44
CA ILE A 15 -7.55 -35.52 -10.86
C ILE A 15 -6.33 -35.81 -11.74
N LYS A 16 -6.60 -36.33 -12.93
CA LYS A 16 -5.55 -36.66 -13.89
C LYS A 16 -5.15 -35.37 -14.64
N MET A 17 -3.86 -35.05 -14.61
CA MET A 17 -3.35 -33.85 -15.27
C MET A 17 -3.40 -33.89 -16.77
N GLU A 18 -4.59 -34.11 -17.32
CA GLU A 18 -4.75 -34.16 -18.77
C GLU A 18 -6.06 -33.50 -19.14
N PHE A 19 -6.20 -33.11 -20.39
CA PHE A 19 -7.42 -32.48 -20.85
C PHE A 19 -8.59 -33.34 -20.40
N ILE A 20 -9.64 -32.71 -19.91
CA ILE A 20 -10.83 -33.42 -19.46
C ILE A 20 -11.83 -33.48 -20.61
N ASP A 21 -12.41 -34.64 -20.85
CA ASP A 21 -13.37 -34.72 -21.95
C ASP A 21 -14.82 -34.44 -21.54
N ASN A 22 -15.21 -34.83 -20.32
CA ASN A 22 -16.58 -34.58 -19.89
C ASN A 22 -16.85 -33.09 -19.85
N LYS A 23 -17.41 -32.59 -20.95
CA LYS A 23 -17.75 -31.18 -21.12
C LYS A 23 -18.20 -30.45 -19.86
N LEU A 24 -19.02 -31.08 -19.03
CA LEU A 24 -19.48 -30.42 -17.82
C LEU A 24 -18.31 -30.34 -16.84
N ARG A 25 -17.81 -31.49 -16.44
CA ARG A 25 -16.67 -31.54 -15.52
C ARG A 25 -15.64 -30.50 -15.94
N ARG A 26 -15.37 -30.44 -17.25
CA ARG A 26 -14.41 -29.49 -17.77
C ARG A 26 -14.86 -28.05 -17.50
N TYR A 27 -16.00 -27.68 -18.04
CA TYR A 27 -16.53 -26.32 -17.84
C TYR A 27 -16.52 -25.91 -16.36
N THR A 28 -16.81 -26.87 -15.49
CA THR A 28 -16.83 -26.61 -14.06
C THR A 28 -15.44 -26.22 -13.63
N THR A 29 -14.52 -27.17 -13.73
CA THR A 29 -13.12 -26.95 -13.37
C THR A 29 -12.58 -25.65 -13.96
N PHE A 30 -12.97 -25.32 -15.20
CA PHE A 30 -12.49 -24.08 -15.76
C PHE A 30 -13.03 -22.91 -14.99
N SER A 31 -14.18 -23.08 -14.36
CA SER A 31 -14.75 -21.99 -13.58
C SER A 31 -13.98 -21.88 -12.29
N LYS A 32 -13.99 -22.95 -11.52
CA LYS A 32 -13.32 -22.97 -10.24
C LYS A 32 -11.88 -22.49 -10.38
N ARG A 33 -11.17 -23.03 -11.36
CA ARG A 33 -9.77 -22.66 -11.56
C ARG A 33 -9.62 -21.26 -12.08
N LYS A 34 -10.46 -20.86 -13.03
CA LYS A 34 -10.37 -19.49 -13.53
C LYS A 34 -10.57 -18.52 -12.38
N THR A 35 -11.46 -18.87 -11.47
CA THR A 35 -11.70 -17.99 -10.34
C THR A 35 -10.45 -17.84 -9.53
N GLY A 36 -9.75 -18.94 -9.30
CA GLY A 36 -8.56 -18.90 -8.46
C GLY A 36 -7.24 -18.31 -8.95
N ILE A 37 -6.83 -18.69 -10.16
CA ILE A 37 -5.58 -18.19 -10.72
C ILE A 37 -5.71 -16.71 -10.74
N MET A 38 -6.92 -16.27 -11.06
CA MET A 38 -7.21 -14.86 -11.14
C MET A 38 -7.05 -14.32 -9.72
N LYS A 39 -7.44 -15.11 -8.72
CA LYS A 39 -7.26 -14.55 -7.41
C LYS A 39 -5.77 -14.43 -7.22
N LYS A 40 -5.04 -15.46 -7.63
CA LYS A 40 -3.60 -15.45 -7.49
C LYS A 40 -2.96 -14.27 -8.15
N ALA A 41 -3.35 -13.98 -9.39
CA ALA A 41 -2.76 -12.85 -10.12
C ALA A 41 -2.80 -11.64 -9.21
N TYR A 42 -3.88 -11.52 -8.49
CA TYR A 42 -4.05 -10.41 -7.57
C TYR A 42 -3.04 -10.42 -6.41
N GLU A 43 -3.25 -11.32 -5.46
CA GLU A 43 -2.41 -11.43 -4.26
C GLU A 43 -0.91 -11.22 -4.52
N LEU A 44 -0.40 -11.86 -5.58
CA LEU A 44 0.99 -11.76 -5.98
C LEU A 44 1.30 -10.29 -6.23
N SER A 45 0.73 -9.78 -7.31
CA SER A 45 0.89 -8.38 -7.68
C SER A 45 0.69 -7.47 -6.49
N THR A 46 -0.22 -7.85 -5.59
CA THR A 46 -0.54 -7.07 -4.41
C THR A 46 0.55 -7.16 -3.35
N LEU A 47 0.69 -8.37 -2.85
CA LEU A 47 1.65 -8.72 -1.81
C LEU A 47 3.06 -8.23 -2.16
N THR A 48 3.49 -8.47 -3.40
CA THR A 48 4.83 -8.11 -3.84
C THR A 48 4.90 -6.76 -4.55
N GLY A 49 3.78 -6.29 -5.09
CA GLY A 49 3.83 -5.00 -5.76
C GLY A 49 4.48 -5.08 -7.13
N THR A 50 4.18 -6.14 -7.85
CA THR A 50 4.75 -6.31 -9.16
C THR A 50 3.69 -6.15 -10.25
N GLN A 51 4.13 -5.98 -11.50
CA GLN A 51 3.17 -5.86 -12.58
C GLN A 51 2.79 -7.27 -12.96
N VAL A 52 1.51 -7.50 -13.22
CA VAL A 52 1.06 -8.84 -13.58
C VAL A 52 -0.03 -8.76 -14.62
N LEU A 53 0.01 -9.66 -15.58
CA LEU A 53 -1.03 -9.67 -16.60
C LEU A 53 -1.45 -11.10 -16.74
N LEU A 54 -2.76 -11.32 -16.80
CA LEU A 54 -3.28 -12.65 -16.96
C LEU A 54 -4.42 -12.52 -17.93
N LEU A 55 -4.68 -13.59 -18.66
CA LEU A 55 -5.74 -13.56 -19.63
C LEU A 55 -6.09 -15.01 -19.92
N VAL A 56 -7.37 -15.32 -19.76
CA VAL A 56 -7.89 -16.64 -19.98
C VAL A 56 -9.01 -16.48 -20.96
N ALA A 57 -9.11 -17.37 -21.93
CA ALA A 57 -10.18 -17.28 -22.92
C ALA A 57 -10.99 -18.57 -22.86
N SER A 58 -12.26 -18.47 -22.50
CA SER A 58 -13.12 -19.64 -22.40
C SER A 58 -13.39 -20.23 -23.78
N GLU A 59 -13.50 -21.55 -23.86
CA GLU A 59 -13.75 -22.20 -25.15
C GLU A 59 -15.11 -21.81 -25.73
N THR A 60 -15.79 -20.90 -25.03
CA THR A 60 -17.09 -20.44 -25.46
C THR A 60 -16.93 -19.08 -26.12
N GLY A 61 -15.79 -18.43 -25.89
CA GLY A 61 -15.55 -17.14 -26.50
C GLY A 61 -15.04 -16.00 -25.63
N HIS A 62 -15.68 -15.79 -24.48
CA HIS A 62 -15.28 -14.71 -23.57
C HIS A 62 -13.79 -14.69 -23.23
N VAL A 63 -13.32 -13.54 -22.76
CA VAL A 63 -11.92 -13.42 -22.38
C VAL A 63 -11.76 -12.72 -21.03
N TYR A 64 -11.63 -13.52 -19.98
CA TYR A 64 -11.48 -13.02 -18.63
C TYR A 64 -10.02 -12.60 -18.46
N THR A 65 -9.77 -11.50 -17.76
CA THR A 65 -8.41 -11.03 -17.58
C THR A 65 -8.17 -10.18 -16.34
N PHE A 66 -6.90 -10.05 -15.99
CA PHE A 66 -6.48 -9.22 -14.87
C PHE A 66 -5.23 -8.52 -15.30
N ALA A 67 -5.00 -7.34 -14.76
CA ALA A 67 -3.82 -6.59 -15.14
C ALA A 67 -3.49 -5.55 -14.09
N THR A 68 -2.21 -5.25 -13.96
CA THR A 68 -1.78 -4.26 -13.01
C THR A 68 -1.66 -2.98 -13.81
N ARG A 69 -1.74 -1.84 -13.14
CA ARG A 69 -1.69 -0.57 -13.83
C ARG A 69 -0.79 -0.56 -15.05
N LYS A 70 0.52 -0.52 -14.83
CA LYS A 70 1.47 -0.47 -15.92
C LYS A 70 1.20 -1.41 -17.10
N LEU A 71 0.41 -2.45 -16.89
CA LEU A 71 0.13 -3.38 -17.97
C LEU A 71 -1.24 -3.25 -18.60
N GLN A 72 -2.14 -2.51 -17.97
CA GLN A 72 -3.47 -2.37 -18.56
C GLN A 72 -3.40 -2.34 -20.10
N PRO A 73 -2.70 -1.36 -20.67
CA PRO A 73 -2.60 -1.25 -22.13
C PRO A 73 -2.54 -2.56 -22.90
N MET A 74 -1.87 -3.55 -22.33
CA MET A 74 -1.76 -4.86 -22.97
C MET A 74 -3.10 -5.30 -23.48
N ILE A 75 -4.15 -4.88 -22.77
CA ILE A 75 -5.51 -5.24 -23.11
C ILE A 75 -6.38 -4.01 -23.32
N THR A 76 -5.89 -2.86 -22.89
CA THR A 76 -6.64 -1.61 -23.04
C THR A 76 -6.38 -0.98 -24.39
N SER A 77 -5.14 -0.54 -24.60
CA SER A 77 -4.71 0.10 -25.84
C SER A 77 -5.30 -0.57 -27.05
N GLU A 78 -5.29 0.14 -28.18
CA GLU A 78 -5.82 -0.36 -29.43
C GLU A 78 -4.86 -1.35 -30.09
N THR A 79 -3.57 -1.07 -29.95
CA THR A 79 -2.55 -1.90 -30.53
C THR A 79 -2.61 -3.27 -29.87
N GLY A 80 -2.95 -3.27 -28.58
CA GLY A 80 -3.06 -4.51 -27.84
C GLY A 80 -4.31 -5.29 -28.18
N LYS A 81 -5.48 -4.74 -27.90
CA LYS A 81 -6.74 -5.42 -28.18
C LYS A 81 -6.68 -6.03 -29.57
N ALA A 82 -6.02 -5.33 -30.48
CA ALA A 82 -5.88 -5.79 -31.85
C ALA A 82 -5.11 -7.11 -31.84
N LEU A 83 -3.93 -7.06 -31.23
CA LEU A 83 -3.07 -8.23 -31.13
C LEU A 83 -3.80 -9.42 -30.49
N ILE A 84 -4.51 -9.17 -29.39
CA ILE A 84 -5.23 -10.23 -28.70
C ILE A 84 -6.24 -10.93 -29.60
N GLN A 85 -6.96 -10.14 -30.40
CA GLN A 85 -7.96 -10.68 -31.33
C GLN A 85 -7.28 -11.58 -32.33
N THR A 86 -6.23 -11.05 -32.96
CA THR A 86 -5.46 -11.82 -33.92
C THR A 86 -5.10 -13.15 -33.29
N CYS A 87 -4.32 -13.09 -32.22
CA CYS A 87 -3.91 -14.29 -31.52
C CYS A 87 -5.08 -15.26 -31.34
N LEU A 88 -6.05 -14.89 -30.52
CA LEU A 88 -7.19 -15.75 -30.27
C LEU A 88 -7.91 -16.22 -31.53
N ASN A 89 -7.86 -15.44 -32.61
CA ASN A 89 -8.54 -15.85 -33.84
C ASN A 89 -7.66 -16.69 -34.76
N SER A 90 -6.38 -16.83 -34.43
CA SER A 90 -5.47 -17.62 -35.24
C SER A 90 -6.00 -19.04 -35.37
N PRO A 91 -5.79 -19.67 -36.54
CA PRO A 91 -6.26 -21.03 -36.79
C PRO A 91 -5.84 -22.05 -35.74
N ASP A 92 -6.64 -23.10 -35.59
CA ASP A 92 -6.34 -24.15 -34.62
C ASP A 92 -5.25 -25.06 -35.14
N LYS B 7 6.04 -29.50 18.22
CA LYS B 7 6.07 -28.86 16.87
C LYS B 7 7.42 -28.19 16.63
N LYS B 8 7.92 -28.28 15.40
CA LYS B 8 9.20 -27.67 15.06
C LYS B 8 9.02 -26.29 14.43
N THR B 9 8.40 -26.26 13.25
CA THR B 9 8.16 -25.02 12.52
C THR B 9 6.69 -24.60 12.61
N ARG B 10 6.47 -23.29 12.72
CA ARG B 10 5.11 -22.76 12.83
C ARG B 10 4.21 -23.14 11.66
N GLY B 11 4.79 -23.56 10.55
CA GLY B 11 3.99 -23.92 9.40
C GLY B 11 3.37 -22.67 8.81
N ARG B 12 2.98 -22.73 7.54
CA ARG B 12 2.37 -21.59 6.86
C ARG B 12 1.71 -20.60 7.81
N VAL B 13 2.25 -19.39 7.88
CA VAL B 13 1.69 -18.37 8.74
C VAL B 13 0.83 -17.42 7.92
N LYS B 14 -0.27 -16.96 8.50
CA LYS B 14 -1.16 -16.06 7.79
C LYS B 14 -0.50 -14.69 7.67
N ILE B 15 -0.73 -14.00 6.54
CA ILE B 15 -0.13 -12.69 6.35
C ILE B 15 -1.06 -11.66 5.73
N LYS B 16 -0.95 -10.43 6.20
CA LYS B 16 -1.74 -9.32 5.70
C LYS B 16 -1.61 -9.23 4.19
N MET B 17 -2.73 -9.28 3.49
CA MET B 17 -2.73 -9.19 2.05
C MET B 17 -2.48 -7.75 1.63
N GLU B 18 -1.26 -7.30 1.86
CA GLU B 18 -0.84 -5.97 1.49
C GLU B 18 0.64 -6.09 1.17
N PHE B 19 1.21 -5.07 0.53
CA PHE B 19 2.61 -5.07 0.16
C PHE B 19 3.47 -5.59 1.30
N ILE B 20 4.35 -6.54 1.01
CA ILE B 20 5.23 -7.08 2.03
C ILE B 20 6.41 -6.11 2.06
N ASP B 21 6.56 -5.37 3.14
CA ASP B 21 7.66 -4.42 3.25
C ASP B 21 8.92 -4.97 3.91
N ASN B 22 9.54 -5.94 3.25
CA ASN B 22 10.76 -6.58 3.73
C ASN B 22 11.44 -7.26 2.54
N LYS B 23 12.22 -6.48 1.79
CA LYS B 23 12.91 -6.96 0.59
C LYS B 23 13.17 -8.47 0.58
N LEU B 24 13.63 -9.01 1.70
CA LEU B 24 13.90 -10.44 1.74
C LEU B 24 12.63 -11.27 1.63
N ARG B 25 11.70 -11.06 2.55
CA ARG B 25 10.44 -11.77 2.54
C ARG B 25 9.70 -11.55 1.22
N ARG B 26 9.66 -10.30 0.77
CA ARG B 26 8.95 -10.00 -0.46
C ARG B 26 9.49 -10.76 -1.66
N TYR B 27 10.78 -10.62 -1.93
CA TYR B 27 11.39 -11.32 -3.06
C TYR B 27 11.21 -12.82 -2.98
N THR B 28 11.30 -13.35 -1.77
CA THR B 28 11.15 -14.78 -1.58
C THR B 28 9.73 -15.19 -1.88
N THR B 29 8.76 -14.36 -1.45
CA THR B 29 7.36 -14.64 -1.71
C THR B 29 7.10 -14.61 -3.22
N PHE B 30 7.52 -13.51 -3.83
CA PHE B 30 7.35 -13.33 -5.26
C PHE B 30 7.84 -14.56 -5.98
N SER B 31 8.81 -15.23 -5.41
CA SER B 31 9.33 -16.42 -6.06
C SER B 31 8.34 -17.54 -5.92
N LYS B 32 8.18 -18.00 -4.69
CA LYS B 32 7.28 -19.09 -4.44
C LYS B 32 5.96 -18.86 -5.13
N ARG B 33 5.32 -17.73 -4.88
CA ARG B 33 4.04 -17.49 -5.54
C ARG B 33 4.14 -17.45 -7.07
N LYS B 34 5.29 -17.08 -7.60
CA LYS B 34 5.43 -17.05 -9.06
C LYS B 34 5.42 -18.47 -9.59
N THR B 35 5.91 -19.40 -8.79
CA THR B 35 5.97 -20.77 -9.25
C THR B 35 4.60 -21.35 -9.31
N GLY B 36 3.82 -21.14 -8.23
CA GLY B 36 2.46 -21.66 -8.16
C GLY B 36 1.55 -21.16 -9.27
N ILE B 37 1.44 -19.84 -9.37
CA ILE B 37 0.59 -19.24 -10.38
C ILE B 37 0.98 -19.73 -11.77
N MET B 38 2.27 -19.87 -12.05
CA MET B 38 2.70 -20.36 -13.36
C MET B 38 2.13 -21.74 -13.57
N LYS B 39 2.37 -22.59 -12.58
CA LYS B 39 1.86 -23.95 -12.60
C LYS B 39 0.38 -23.87 -12.93
N LYS B 40 -0.35 -23.15 -12.08
CA LYS B 40 -1.78 -22.97 -12.26
C LYS B 40 -2.12 -22.68 -13.71
N ALA B 41 -1.44 -21.71 -14.30
CA ALA B 41 -1.71 -21.35 -15.69
C ALA B 41 -1.58 -22.57 -16.57
N TYR B 42 -0.46 -23.25 -16.42
CA TYR B 42 -0.18 -24.45 -17.19
C TYR B 42 -1.28 -25.50 -17.02
N GLU B 43 -1.71 -25.74 -15.79
CA GLU B 43 -2.76 -26.73 -15.53
C GLU B 43 -4.14 -26.28 -16.05
N LEU B 44 -4.44 -25.01 -15.85
CA LEU B 44 -5.70 -24.48 -16.33
C LEU B 44 -5.80 -24.74 -17.80
N SER B 45 -4.74 -24.37 -18.52
CA SER B 45 -4.71 -24.55 -19.96
C SER B 45 -4.70 -26.00 -20.42
N THR B 46 -3.91 -26.84 -19.76
CA THR B 46 -3.87 -28.23 -20.19
C THR B 46 -5.09 -28.98 -19.70
N LEU B 47 -5.62 -28.61 -18.53
CA LEU B 47 -6.80 -29.28 -17.99
C LEU B 47 -8.05 -28.94 -18.77
N THR B 48 -8.09 -27.76 -19.39
CA THR B 48 -9.27 -27.34 -20.11
C THR B 48 -8.97 -26.88 -21.53
N GLY B 49 -7.83 -27.29 -22.06
CA GLY B 49 -7.47 -26.89 -23.41
C GLY B 49 -7.81 -25.45 -23.80
N THR B 50 -7.76 -24.52 -22.86
CA THR B 50 -8.07 -23.14 -23.16
C THR B 50 -6.82 -22.25 -23.29
N GLN B 51 -6.88 -21.21 -24.12
CA GLN B 51 -5.74 -20.32 -24.27
C GLN B 51 -5.54 -19.57 -22.95
N VAL B 52 -4.30 -19.29 -22.58
CA VAL B 52 -4.01 -18.62 -21.32
C VAL B 52 -2.68 -17.93 -21.44
N LEU B 53 -2.57 -16.71 -20.93
CA LEU B 53 -1.32 -15.97 -20.99
C LEU B 53 -1.05 -15.28 -19.69
N LEU B 54 0.07 -15.60 -19.07
CA LEU B 54 0.46 -14.98 -17.82
C LEU B 54 1.81 -14.28 -18.04
N LEU B 55 1.99 -13.12 -17.41
CA LEU B 55 3.25 -12.39 -17.50
C LEU B 55 3.49 -11.83 -16.12
N VAL B 56 4.71 -12.01 -15.63
CA VAL B 56 5.10 -11.59 -14.31
C VAL B 56 6.46 -10.91 -14.33
N ALA B 57 6.49 -9.65 -13.93
CA ALA B 57 7.74 -8.87 -13.92
C ALA B 57 8.28 -8.70 -12.51
N SER B 58 9.49 -9.18 -12.25
CA SER B 58 10.06 -9.04 -10.91
C SER B 58 10.57 -7.64 -10.65
N GLU B 59 10.67 -7.28 -9.39
CA GLU B 59 11.15 -5.97 -8.99
C GLU B 59 12.54 -5.79 -9.52
N THR B 60 13.25 -6.90 -9.59
CA THR B 60 14.62 -6.91 -10.06
C THR B 60 14.69 -6.73 -11.58
N GLY B 61 13.56 -6.77 -12.27
CA GLY B 61 13.61 -6.59 -13.71
C GLY B 61 13.44 -7.83 -14.58
N HIS B 62 13.36 -8.99 -13.94
CA HIS B 62 13.18 -10.21 -14.69
C HIS B 62 11.73 -10.39 -15.11
N VAL B 63 11.52 -10.50 -16.41
CA VAL B 63 10.19 -10.69 -16.92
C VAL B 63 9.97 -12.16 -17.19
N TYR B 64 9.05 -12.78 -16.46
CA TYR B 64 8.73 -14.19 -16.64
C TYR B 64 7.43 -14.28 -17.40
N THR B 65 7.27 -15.30 -18.24
CA THR B 65 6.04 -15.38 -19.00
C THR B 65 5.61 -16.75 -19.47
N PHE B 66 4.32 -17.02 -19.36
CA PHE B 66 3.74 -18.26 -19.83
C PHE B 66 2.70 -17.87 -20.87
N ALA B 67 2.55 -18.68 -21.90
CA ALA B 67 1.57 -18.37 -22.93
C ALA B 67 1.31 -19.56 -23.80
N THR B 68 0.05 -19.82 -24.03
CA THR B 68 -0.36 -20.95 -24.84
C THR B 68 -0.07 -20.66 -26.31
N ARG B 69 0.06 -21.72 -27.11
CA ARG B 69 0.36 -21.59 -28.54
C ARG B 69 -0.23 -20.37 -29.26
N LYS B 70 -1.55 -20.24 -29.26
CA LYS B 70 -2.18 -19.12 -29.96
C LYS B 70 -1.82 -17.73 -29.41
N LEU B 71 -1.53 -17.65 -28.12
CA LEU B 71 -1.21 -16.35 -27.53
C LEU B 71 0.29 -16.09 -27.42
N GLN B 72 1.08 -16.97 -28.03
CA GLN B 72 2.52 -16.83 -28.03
C GLN B 72 2.88 -15.49 -28.70
N PRO B 73 2.25 -15.20 -29.85
CA PRO B 73 2.53 -13.94 -30.57
C PRO B 73 2.43 -12.71 -29.67
N MET B 74 1.76 -12.87 -28.53
CA MET B 74 1.62 -11.78 -27.61
C MET B 74 2.96 -11.37 -27.06
N ILE B 75 3.85 -12.33 -26.85
CA ILE B 75 5.14 -11.97 -26.28
C ILE B 75 6.36 -12.22 -27.14
N THR B 76 6.20 -12.96 -28.23
CA THR B 76 7.34 -13.26 -29.08
C THR B 76 7.36 -12.43 -30.33
N SER B 77 6.24 -11.81 -30.65
CA SER B 77 6.17 -10.97 -31.83
C SER B 77 6.98 -9.72 -31.52
N GLU B 78 7.53 -9.07 -32.54
CA GLU B 78 8.29 -7.87 -32.29
C GLU B 78 7.29 -6.83 -31.77
N THR B 79 6.08 -6.90 -32.30
CA THR B 79 4.99 -6.02 -31.91
C THR B 79 4.76 -6.06 -30.41
N GLY B 80 4.18 -7.15 -29.95
CA GLY B 80 3.90 -7.30 -28.53
C GLY B 80 5.13 -7.20 -27.67
N LYS B 81 6.25 -7.70 -28.18
CA LYS B 81 7.49 -7.65 -27.42
C LYS B 81 7.69 -6.20 -27.01
N ALA B 82 7.44 -5.30 -27.95
CA ALA B 82 7.58 -3.87 -27.73
C ALA B 82 6.46 -3.28 -26.86
N LEU B 83 5.29 -3.91 -26.90
CA LEU B 83 4.16 -3.46 -26.12
C LEU B 83 4.46 -3.65 -24.64
N ILE B 84 5.09 -4.77 -24.32
CA ILE B 84 5.48 -5.11 -22.95
C ILE B 84 6.54 -4.12 -22.48
N GLN B 85 7.48 -3.81 -23.38
CA GLN B 85 8.54 -2.87 -23.08
C GLN B 85 7.86 -1.57 -22.68
N THR B 86 7.07 -1.03 -23.59
CA THR B 86 6.34 0.20 -23.36
C THR B 86 5.74 0.24 -21.97
N CYS B 87 4.94 -0.77 -21.65
CA CYS B 87 4.28 -0.86 -20.35
C CYS B 87 5.20 -0.85 -19.13
N LEU B 88 5.96 -1.94 -18.97
CA LEU B 88 6.84 -2.07 -17.83
C LEU B 88 7.83 -0.93 -17.66
N ASN B 89 7.95 -0.06 -18.64
CA ASN B 89 8.89 1.06 -18.52
C ASN B 89 8.20 2.38 -18.17
N SER B 90 6.87 2.37 -18.17
CA SER B 90 6.12 3.58 -17.83
C SER B 90 6.43 3.97 -16.39
N PRO B 91 6.53 5.27 -16.10
CA PRO B 91 6.83 5.79 -14.76
C PRO B 91 5.86 5.29 -13.72
N ASP B 92 6.37 5.11 -12.50
CA ASP B 92 5.54 4.64 -11.40
C ASP B 92 4.43 5.63 -11.06
N LYS D 7 35.42 26.55 8.47
CA LYS D 7 35.71 27.25 7.19
C LYS D 7 34.56 28.11 6.70
N LYS D 8 33.74 27.58 5.79
CA LYS D 8 32.62 28.33 5.25
C LYS D 8 31.55 28.67 6.27
N THR D 9 31.33 27.79 7.25
CA THR D 9 30.32 28.07 8.27
C THR D 9 30.74 27.59 9.64
N ARG D 10 30.21 28.25 10.67
CA ARG D 10 30.55 27.92 12.05
C ARG D 10 30.14 26.48 12.42
N GLY D 11 29.40 25.83 11.52
CA GLY D 11 28.96 24.46 11.77
C GLY D 11 27.87 24.41 12.81
N ARG D 12 27.39 23.20 13.12
CA ARG D 12 26.34 23.05 14.12
C ARG D 12 26.86 23.59 15.44
N VAL D 13 26.00 24.22 16.21
CA VAL D 13 26.43 24.79 17.48
C VAL D 13 25.61 24.32 18.66
N LYS D 14 26.26 24.15 19.80
CA LYS D 14 25.54 23.72 20.99
C LYS D 14 24.66 24.87 21.46
N ILE D 15 23.54 24.55 22.09
CA ILE D 15 22.63 25.58 22.57
C ILE D 15 22.01 25.13 23.88
N LYS D 16 21.69 26.08 24.74
CA LYS D 16 21.10 25.73 26.02
C LYS D 16 19.72 25.16 25.80
N MET D 17 19.41 24.09 26.52
CA MET D 17 18.12 23.47 26.42
C MET D 17 17.15 24.30 27.22
N GLU D 18 16.75 25.42 26.63
CA GLU D 18 15.81 26.34 27.25
C GLU D 18 15.18 27.22 26.18
N PHE D 19 13.93 27.62 26.40
CA PHE D 19 13.23 28.45 25.42
C PHE D 19 14.14 29.49 24.79
N ILE D 20 14.14 29.52 23.45
CA ILE D 20 14.95 30.47 22.71
C ILE D 20 14.14 31.75 22.62
N ASP D 21 14.63 32.82 23.24
CA ASP D 21 13.92 34.08 23.19
C ASP D 21 13.89 34.65 21.78
N ASN D 22 15.04 34.71 21.11
CA ASN D 22 15.09 35.24 19.77
C ASN D 22 14.05 34.60 18.86
N LYS D 23 13.00 35.35 18.56
CA LYS D 23 11.91 34.89 17.72
C LYS D 23 12.34 34.24 16.40
N LEU D 24 13.45 34.70 15.83
CA LEU D 24 13.92 34.16 14.57
C LEU D 24 14.63 32.82 14.78
N ARG D 25 15.60 32.82 15.69
CA ARG D 25 16.32 31.60 15.97
C ARG D 25 15.30 30.55 16.34
N ARG D 26 14.33 30.95 17.14
CA ARG D 26 13.29 30.04 17.58
C ARG D 26 12.57 29.43 16.40
N TYR D 27 11.91 30.27 15.64
CA TYR D 27 11.18 29.79 14.47
C TYR D 27 12.02 28.81 13.68
N THR D 28 13.19 29.24 13.24
CA THR D 28 14.06 28.38 12.47
C THR D 28 14.20 26.99 13.10
N THR D 29 14.62 26.95 14.36
CA THR D 29 14.78 25.65 15.05
C THR D 29 13.50 24.83 15.00
N PHE D 30 12.39 25.42 15.42
CA PHE D 30 11.16 24.70 15.35
C PHE D 30 11.03 24.12 13.95
N SER D 31 11.22 24.96 12.94
CA SER D 31 11.07 24.47 11.58
C SER D 31 11.97 23.32 11.24
N LYS D 32 13.23 23.38 11.70
CA LYS D 32 14.13 22.27 11.40
C LYS D 32 13.80 21.09 12.31
N ARG D 33 13.57 21.40 13.58
CA ARG D 33 13.21 20.40 14.58
C ARG D 33 11.92 19.67 14.20
N LYS D 34 10.93 20.42 13.73
CA LYS D 34 9.68 19.79 13.32
C LYS D 34 9.97 18.78 12.24
N THR D 35 10.74 19.21 11.24
CA THR D 35 11.05 18.29 10.16
C THR D 35 11.63 16.98 10.68
N GLY D 36 12.63 17.07 11.54
CA GLY D 36 13.28 15.89 12.06
C GLY D 36 12.43 14.92 12.86
N ILE D 37 11.83 15.40 13.94
CA ILE D 37 11.04 14.54 14.76
C ILE D 37 9.99 13.88 13.88
N MET D 38 9.40 14.64 12.95
CA MET D 38 8.41 14.05 12.05
C MET D 38 9.02 12.85 11.33
N LYS D 39 10.25 13.00 10.87
CA LYS D 39 10.88 11.93 10.16
C LYS D 39 10.94 10.73 11.07
N LYS D 40 11.36 10.97 12.30
CA LYS D 40 11.46 9.90 13.26
C LYS D 40 10.21 9.05 13.39
N ALA D 41 9.06 9.66 13.69
CA ALA D 41 7.83 8.89 13.81
C ALA D 41 7.72 7.93 12.65
N TYR D 42 7.85 8.46 11.43
CA TYR D 42 7.77 7.64 10.24
C TYR D 42 8.69 6.43 10.36
N GLU D 43 9.98 6.70 10.59
CA GLU D 43 10.96 5.63 10.70
C GLU D 43 10.76 4.70 11.91
N LEU D 44 10.38 5.25 13.05
CA LEU D 44 10.19 4.39 14.22
C LEU D 44 9.14 3.38 13.82
N SER D 45 8.00 3.90 13.38
CA SER D 45 6.87 3.10 12.95
C SER D 45 7.30 2.20 11.81
N THR D 46 7.85 2.80 10.77
CA THR D 46 8.29 2.06 9.60
C THR D 46 9.19 0.87 9.96
N LEU D 47 10.28 1.17 10.68
CA LEU D 47 11.25 0.19 11.07
C LEU D 47 10.71 -0.92 11.99
N THR D 48 9.97 -0.54 13.02
CA THR D 48 9.44 -1.50 13.97
C THR D 48 8.00 -1.94 13.78
N GLY D 49 7.38 -1.59 12.66
CA GLY D 49 6.00 -1.97 12.46
C GLY D 49 5.11 -1.61 13.65
N THR D 50 5.28 -0.44 14.25
CA THR D 50 4.44 -0.04 15.38
C THR D 50 3.48 1.13 15.04
N GLN D 51 2.58 1.47 15.96
CA GLN D 51 1.67 2.59 15.73
C GLN D 51 2.30 3.85 16.32
N VAL D 52 2.08 4.99 15.68
CA VAL D 52 2.69 6.22 16.19
C VAL D 52 1.86 7.47 15.94
N LEU D 53 1.81 8.35 16.93
CA LEU D 53 1.08 9.56 16.69
C LEU D 53 1.90 10.73 17.17
N LEU D 54 2.14 11.66 16.26
CA LEU D 54 2.90 12.85 16.57
C LEU D 54 2.03 14.03 16.16
N LEU D 55 1.96 15.02 17.03
CA LEU D 55 1.15 16.18 16.72
C LEU D 55 1.92 17.37 17.20
N VAL D 56 1.98 18.39 16.37
CA VAL D 56 2.73 19.59 16.70
C VAL D 56 1.98 20.87 16.37
N ALA D 57 1.95 21.81 17.31
CA ALA D 57 1.29 23.07 17.08
C ALA D 57 2.29 24.25 17.07
N SER D 58 2.32 24.99 15.97
CA SER D 58 3.23 26.12 15.84
C SER D 58 2.60 27.37 16.45
N GLU D 59 3.43 28.21 17.07
CA GLU D 59 2.93 29.45 17.66
C GLU D 59 1.98 30.10 16.68
N THR D 60 2.47 30.29 15.46
CA THR D 60 1.69 30.91 14.40
C THR D 60 0.28 30.33 14.45
N GLY D 61 0.18 29.02 14.67
CA GLY D 61 -1.13 28.39 14.76
C GLY D 61 -1.29 27.04 14.07
N HIS D 62 -0.62 26.85 12.95
CA HIS D 62 -0.71 25.59 12.19
C HIS D 62 -0.42 24.37 13.03
N VAL D 63 -1.21 23.31 12.87
CA VAL D 63 -0.99 22.08 13.60
C VAL D 63 -0.51 20.96 12.67
N TYR D 64 0.72 20.53 12.87
CA TYR D 64 1.34 19.49 12.06
C TYR D 64 1.15 18.12 12.70
N THR D 65 1.06 17.07 11.90
CA THR D 65 0.86 15.74 12.44
C THR D 65 1.53 14.59 11.65
N PHE D 66 1.40 13.38 12.20
CA PHE D 66 1.85 12.16 11.58
C PHE D 66 1.26 11.03 12.37
N ALA D 67 0.49 10.19 11.69
CA ALA D 67 -0.17 9.11 12.36
C ALA D 67 -0.16 7.83 11.56
N THR D 68 0.12 6.74 12.25
CA THR D 68 0.12 5.44 11.64
C THR D 68 -1.38 5.19 11.38
N ARG D 69 -1.69 4.16 10.62
CA ARG D 69 -3.07 3.83 10.28
C ARG D 69 -4.02 3.78 11.46
N LYS D 70 -3.94 2.73 12.26
CA LYS D 70 -4.84 2.58 13.40
C LYS D 70 -5.16 3.85 14.20
N LEU D 71 -4.19 4.74 14.38
CA LEU D 71 -4.41 5.97 15.13
C LEU D 71 -4.92 7.12 14.28
N GLN D 72 -4.90 6.97 12.97
CA GLN D 72 -5.40 8.03 12.12
C GLN D 72 -6.60 8.77 12.69
N PRO D 73 -7.67 8.04 13.03
CA PRO D 73 -8.91 8.61 13.59
C PRO D 73 -8.64 9.59 14.69
N MET D 74 -7.60 9.29 15.46
CA MET D 74 -7.19 10.11 16.58
C MET D 74 -7.21 11.57 16.21
N ILE D 75 -7.06 11.86 14.93
CA ILE D 75 -7.04 13.23 14.46
C ILE D 75 -7.95 13.47 13.27
N THR D 76 -8.58 12.41 12.77
CA THR D 76 -9.50 12.56 11.64
C THR D 76 -10.95 12.49 12.12
N SER D 77 -11.16 11.78 13.22
CA SER D 77 -12.48 11.65 13.78
C SER D 77 -13.00 12.97 14.29
N GLU D 78 -14.33 13.09 14.38
CA GLU D 78 -14.94 14.31 14.88
C GLU D 78 -14.62 14.42 16.36
N THR D 79 -14.68 13.29 17.05
CA THR D 79 -14.37 13.26 18.48
C THR D 79 -12.95 13.77 18.64
N GLY D 80 -12.04 13.10 17.93
CA GLY D 80 -10.65 13.48 17.98
C GLY D 80 -10.46 14.95 17.70
N LYS D 81 -10.49 15.32 16.43
CA LYS D 81 -10.29 16.71 16.04
C LYS D 81 -10.74 17.65 17.13
N ALA D 82 -11.98 17.47 17.58
CA ALA D 82 -12.55 18.29 18.64
C ALA D 82 -11.61 18.32 19.83
N LEU D 83 -11.34 17.14 20.37
CA LEU D 83 -10.45 17.05 21.50
C LEU D 83 -9.23 17.92 21.27
N ILE D 84 -8.60 17.81 20.10
CA ILE D 84 -7.43 18.62 19.78
C ILE D 84 -7.78 20.11 19.91
N GLN D 85 -8.82 20.53 19.21
CA GLN D 85 -9.25 21.91 19.22
C GLN D 85 -9.53 22.37 20.64
N THR D 86 -10.07 21.49 21.47
CA THR D 86 -10.36 21.91 22.83
C THR D 86 -9.05 22.12 23.56
N CYS D 87 -8.08 21.23 23.33
CA CYS D 87 -6.80 21.36 23.99
C CYS D 87 -6.08 22.63 23.59
N LEU D 88 -5.60 22.66 22.36
CA LEU D 88 -4.84 23.80 21.88
C LEU D 88 -5.48 25.17 22.12
N ASN D 89 -6.82 25.22 22.13
CA ASN D 89 -7.50 26.49 22.38
C ASN D 89 -7.65 26.87 23.84
N SER D 90 -7.26 25.97 24.75
CA SER D 90 -7.37 26.25 26.17
C SER D 90 -6.42 27.35 26.60
N PRO D 91 -6.61 27.91 27.80
CA PRO D 91 -5.80 28.97 28.38
C PRO D 91 -4.33 28.64 28.54
N ASP D 92 -3.47 29.60 28.23
CA ASP D 92 -2.04 29.40 28.36
C ASP D 92 -1.70 29.53 29.82
N LYS E 4 36.49 -2.74 9.51
CA LYS E 4 37.80 -2.04 9.49
C LYS E 4 38.94 -3.00 9.82
N PRO E 5 40.14 -2.75 9.25
CA PRO E 5 41.34 -3.56 9.44
C PRO E 5 41.90 -3.55 10.87
N GLY E 6 41.43 -2.59 11.67
CA GLY E 6 41.89 -2.49 13.04
C GLY E 6 40.92 -1.74 13.93
N LYS E 7 39.63 -1.90 13.64
CA LYS E 7 38.62 -1.22 14.43
C LYS E 7 37.98 -2.12 15.48
N LYS E 8 37.68 -1.55 16.64
CA LYS E 8 37.08 -2.33 17.70
C LYS E 8 35.66 -2.78 17.36
N THR E 9 34.95 -1.96 16.58
CA THR E 9 33.58 -2.27 16.17
C THR E 9 33.29 -1.72 14.78
N ARG E 10 32.02 -1.81 14.38
CA ARG E 10 31.57 -1.31 13.09
C ARG E 10 30.85 0.01 13.38
N GLY E 11 30.66 0.28 14.66
CA GLY E 11 29.98 1.49 15.05
C GLY E 11 28.55 1.39 14.58
N ARG E 12 27.93 2.53 14.32
CA ARG E 12 26.57 2.56 13.83
C ARG E 12 26.64 2.11 12.38
N VAL E 13 25.61 1.42 11.91
CA VAL E 13 25.65 1.00 10.50
C VAL E 13 24.41 1.38 9.75
N LYS E 14 24.59 1.60 8.45
CA LYS E 14 23.50 1.96 7.56
C LYS E 14 22.56 0.77 7.51
N ILE E 15 21.27 1.02 7.58
CA ILE E 15 20.32 -0.09 7.50
C ILE E 15 19.16 0.30 6.61
N LYS E 16 18.46 -0.70 6.09
CA LYS E 16 17.31 -0.47 5.23
C LYS E 16 16.13 0.07 6.02
N MET E 17 15.45 1.05 5.44
CA MET E 17 14.28 1.64 6.08
C MET E 17 13.10 0.77 5.69
N GLU E 18 12.96 -0.38 6.35
CA GLU E 18 11.86 -1.27 6.04
C GLU E 18 11.48 -1.95 7.32
N PHE E 19 10.59 -2.93 7.26
CA PHE E 19 10.23 -3.59 8.49
C PHE E 19 11.39 -4.44 8.90
N ILE E 20 11.85 -4.28 10.13
CA ILE E 20 12.97 -5.08 10.61
C ILE E 20 12.49 -6.49 11.01
N ASP E 21 12.82 -7.48 10.18
CA ASP E 21 12.39 -8.85 10.46
C ASP E 21 12.92 -9.50 11.74
N ASN E 22 14.23 -9.46 11.94
CA ASN E 22 14.80 -10.05 13.15
C ASN E 22 14.13 -9.42 14.36
N LYS E 23 13.41 -10.24 15.13
CA LYS E 23 12.72 -9.72 16.29
C LYS E 23 13.66 -9.04 17.25
N LEU E 24 14.73 -9.73 17.65
CA LEU E 24 15.67 -9.15 18.60
C LEU E 24 16.01 -7.75 18.20
N ARG E 25 16.59 -7.63 17.01
CA ARG E 25 16.96 -6.32 16.51
C ARG E 25 15.74 -5.42 16.64
N ARG E 26 14.74 -5.66 15.80
CA ARG E 26 13.53 -4.86 15.83
C ARG E 26 13.25 -4.26 17.20
N TYR E 27 12.80 -5.07 18.14
CA TYR E 27 12.51 -4.52 19.47
C TYR E 27 13.61 -3.61 20.00
N THR E 28 14.85 -4.06 19.87
CA THR E 28 15.97 -3.27 20.37
C THR E 28 15.89 -1.88 19.75
N THR E 29 15.92 -1.84 18.42
CA THR E 29 15.84 -0.58 17.71
C THR E 29 14.66 0.20 18.24
N PHE E 30 13.50 -0.44 18.31
CA PHE E 30 12.31 0.24 18.79
C PHE E 30 12.59 0.82 20.17
N SER E 31 13.40 0.13 20.95
CA SER E 31 13.70 0.66 22.26
C SER E 31 14.57 1.89 22.07
N LYS E 32 15.67 1.73 21.35
CA LYS E 32 16.56 2.84 21.11
C LYS E 32 15.74 4.05 20.59
N ARG E 33 15.29 3.95 19.35
CA ARG E 33 14.49 4.99 18.70
C ARG E 33 13.48 5.63 19.65
N LYS E 34 12.67 4.81 20.30
CA LYS E 34 11.66 5.30 21.23
C LYS E 34 12.23 6.40 22.09
N THR E 35 13.36 6.12 22.74
CA THR E 35 13.97 7.11 23.61
C THR E 35 14.23 8.37 22.82
N GLY E 36 14.96 8.22 21.73
CA GLY E 36 15.28 9.38 20.89
C GLY E 36 14.12 10.29 20.57
N ILE E 37 13.19 9.80 19.75
CA ILE E 37 12.06 10.62 19.36
C ILE E 37 11.42 11.20 20.58
N MET E 38 11.53 10.51 21.69
CA MET E 38 10.93 11.02 22.92
C MET E 38 11.66 12.27 23.35
N LYS E 39 12.99 12.18 23.35
CA LYS E 39 13.81 13.32 23.72
C LYS E 39 13.57 14.44 22.70
N LYS E 40 13.56 14.10 21.41
CA LYS E 40 13.32 15.09 20.38
C LYS E 40 12.02 15.81 20.74
N ALA E 41 11.00 15.02 21.04
CA ALA E 41 9.70 15.56 21.39
C ALA E 41 9.81 16.56 22.50
N TYR E 42 10.58 16.21 23.52
CA TYR E 42 10.76 17.06 24.68
C TYR E 42 11.62 18.29 24.42
N GLU E 43 12.62 18.16 23.56
CA GLU E 43 13.48 19.30 23.28
C GLU E 43 12.75 20.25 22.35
N LEU E 44 12.17 19.68 21.29
CA LEU E 44 11.42 20.47 20.32
C LEU E 44 10.41 21.31 21.07
N SER E 45 9.83 20.71 22.10
CA SER E 45 8.85 21.40 22.90
C SER E 45 9.44 22.49 23.78
N THR E 46 10.43 22.13 24.58
CA THR E 46 11.04 23.09 25.48
C THR E 46 11.71 24.24 24.75
N LEU E 47 12.40 23.96 23.65
CA LEU E 47 13.05 25.02 22.91
C LEU E 47 12.05 26.02 22.36
N THR E 48 11.07 25.56 21.60
CA THR E 48 10.11 26.47 20.99
C THR E 48 8.84 26.75 21.78
N GLY E 49 8.75 26.20 22.98
CA GLY E 49 7.57 26.41 23.78
C GLY E 49 6.30 26.12 23.02
N THR E 50 6.36 25.13 22.14
CA THR E 50 5.19 24.76 21.33
C THR E 50 4.43 23.63 21.98
N GLN E 51 3.27 23.30 21.43
CA GLN E 51 2.48 22.20 21.96
C GLN E 51 2.85 20.94 21.20
N VAL E 52 3.14 19.87 21.92
CA VAL E 52 3.55 18.63 21.28
C VAL E 52 2.92 17.42 21.92
N LEU E 53 2.48 16.49 21.09
CA LEU E 53 1.88 15.25 21.59
C LEU E 53 2.45 14.07 20.83
N LEU E 54 3.17 13.21 21.54
CA LEU E 54 3.78 12.03 20.94
C LEU E 54 3.15 10.82 21.62
N LEU E 55 2.90 9.77 20.85
CA LEU E 55 2.33 8.56 21.42
C LEU E 55 2.92 7.42 20.63
N VAL E 56 3.48 6.43 21.33
CA VAL E 56 4.09 5.28 20.69
C VAL E 56 3.62 4.03 21.38
N ALA E 57 3.33 2.99 20.61
CA ALA E 57 2.86 1.73 21.17
C ALA E 57 3.74 0.58 20.71
N SER E 58 4.29 -0.17 21.66
CA SER E 58 5.17 -1.32 21.38
C SER E 58 4.43 -2.55 20.89
N GLU E 59 5.12 -3.37 20.10
CA GLU E 59 4.51 -4.61 19.58
C GLU E 59 3.98 -5.33 20.80
N THR E 60 4.80 -5.31 21.84
CA THR E 60 4.51 -5.91 23.13
C THR E 60 3.09 -5.55 23.55
N GLY E 61 2.93 -4.36 24.11
CA GLY E 61 1.61 -3.91 24.53
C GLY E 61 1.71 -2.62 25.30
N HIS E 62 2.93 -2.13 25.48
CA HIS E 62 3.13 -0.90 26.21
C HIS E 62 2.85 0.35 25.40
N VAL E 63 2.24 1.32 26.05
CA VAL E 63 1.92 2.56 25.40
C VAL E 63 2.68 3.71 26.03
N TYR E 64 3.74 4.12 25.35
CA TYR E 64 4.56 5.23 25.83
C TYR E 64 3.93 6.51 25.31
N THR E 65 3.83 7.52 26.16
CA THR E 65 3.19 8.75 25.74
C THR E 65 3.73 10.07 26.32
N PHE E 66 4.10 10.99 25.42
CA PHE E 66 4.59 12.31 25.80
C PHE E 66 3.61 13.40 25.32
N ALA E 67 3.19 14.27 26.23
CA ALA E 67 2.24 15.31 25.88
C ALA E 67 2.41 16.53 26.75
N THR E 68 2.37 17.67 26.09
CA THR E 68 2.53 18.95 26.73
C THR E 68 1.28 19.36 27.49
N ARG E 69 1.43 20.28 28.45
CA ARG E 69 0.31 20.73 29.25
C ARG E 69 -0.99 20.75 28.46
N LYS E 70 -1.17 21.76 27.63
CA LYS E 70 -2.39 21.87 26.86
C LYS E 70 -2.89 20.58 26.24
N LEU E 71 -1.99 19.71 25.83
CA LEU E 71 -2.41 18.46 25.22
C LEU E 71 -2.40 17.27 26.17
N GLN E 72 -2.35 17.53 27.46
CA GLN E 72 -2.32 16.45 28.42
C GLN E 72 -3.61 15.65 28.34
N PRO E 73 -4.77 16.33 28.36
CA PRO E 73 -6.08 15.68 28.28
C PRO E 73 -6.22 14.66 27.15
N MET E 74 -5.49 14.88 26.07
CA MET E 74 -5.52 13.97 24.93
C MET E 74 -5.24 12.54 25.36
N ILE E 75 -4.53 12.36 26.46
CA ILE E 75 -4.21 11.01 26.89
C ILE E 75 -4.65 10.78 28.33
N THR E 76 -4.99 11.87 29.00
CA THR E 76 -5.39 11.82 30.39
C THR E 76 -6.89 11.68 30.54
N SER E 77 -7.65 12.55 29.88
CA SER E 77 -9.10 12.51 29.98
C SER E 77 -9.66 11.19 29.51
N GLU E 78 -10.70 10.74 30.20
CA GLU E 78 -11.35 9.48 29.84
C GLU E 78 -11.62 9.42 28.35
N THR E 79 -12.09 10.54 27.81
CA THR E 79 -12.37 10.61 26.39
C THR E 79 -11.19 10.19 25.53
N GLY E 80 -10.08 10.91 25.68
CA GLY E 80 -8.90 10.60 24.90
C GLY E 80 -8.48 9.16 25.08
N LYS E 81 -8.37 8.75 26.34
CA LYS E 81 -7.95 7.39 26.65
C LYS E 81 -8.76 6.45 25.77
N ALA E 82 -10.07 6.44 25.98
CA ALA E 82 -10.98 5.58 25.22
C ALA E 82 -10.65 5.62 23.74
N LEU E 83 -10.56 6.83 23.21
CA LEU E 83 -10.25 7.03 21.81
C LEU E 83 -8.98 6.26 21.48
N ILE E 84 -7.94 6.46 22.29
CA ILE E 84 -6.68 5.76 22.08
C ILE E 84 -6.90 4.25 22.00
N GLN E 85 -7.54 3.70 23.02
CA GLN E 85 -7.80 2.27 23.04
C GLN E 85 -8.61 1.90 21.80
N THR E 86 -9.74 2.58 21.62
CA THR E 86 -10.60 2.33 20.47
C THR E 86 -9.78 2.30 19.21
N CYS E 87 -8.62 2.94 19.22
CA CYS E 87 -7.76 2.96 18.05
C CYS E 87 -6.76 1.83 18.00
N LEU E 88 -5.99 1.65 19.07
CA LEU E 88 -4.99 0.60 19.08
C LEU E 88 -5.59 -0.79 19.04
N ASN E 89 -6.84 -0.90 19.51
CA ASN E 89 -7.52 -2.19 19.54
C ASN E 89 -8.14 -2.53 18.18
N SER E 90 -8.24 -1.53 17.31
CA SER E 90 -8.79 -1.75 15.98
C SER E 90 -8.14 -2.96 15.35
N PRO E 91 -8.89 -3.70 14.52
CA PRO E 91 -8.39 -4.89 13.84
C PRO E 91 -7.21 -4.56 12.94
N ASP E 92 -6.19 -5.41 12.97
CA ASP E 92 -4.97 -5.22 12.19
C ASP E 92 -5.19 -5.25 10.67
N ASP G 3 -23.23 -38.95 8.25
CA ASP G 3 -23.03 -39.97 7.18
C ASP G 3 -24.11 -39.87 6.11
N SER G 4 -24.60 -38.65 5.88
CA SER G 4 -25.64 -38.38 4.90
C SER G 4 -25.33 -38.92 3.49
N ALA G 5 -24.77 -38.06 2.64
CA ALA G 5 -24.43 -38.41 1.27
C ALA G 5 -25.67 -38.39 0.40
N ILE G 6 -26.69 -37.67 0.89
CA ILE G 6 -27.95 -37.56 0.18
C ILE G 6 -27.77 -36.84 -1.16
N THR G 7 -28.39 -37.37 -2.20
CA THR G 7 -28.32 -36.78 -3.53
C THR G 7 -29.74 -36.70 -4.06
N LEU G 8 -30.08 -35.59 -4.71
CA LEU G 8 -31.44 -35.40 -5.22
C LEU G 8 -32.06 -36.64 -5.83
N TRP G 9 -31.63 -37.03 -7.02
CA TRP G 9 -32.19 -38.20 -7.68
C TRP G 9 -32.53 -39.28 -6.67
N GLN G 10 -31.65 -39.49 -5.71
CA GLN G 10 -31.90 -40.50 -4.69
C GLN G 10 -33.07 -40.05 -3.82
N PHE G 11 -33.04 -38.79 -3.38
CA PHE G 11 -34.12 -38.24 -2.57
C PHE G 11 -35.43 -38.62 -3.24
N LEU G 12 -35.52 -38.37 -4.53
CA LEU G 12 -36.71 -38.67 -5.30
C LEU G 12 -36.85 -40.18 -5.53
N LEU G 13 -36.62 -40.95 -4.48
CA LEU G 13 -36.74 -42.39 -4.53
C LEU G 13 -37.00 -42.85 -3.12
N GLN G 14 -37.21 -41.85 -2.27
CA GLN G 14 -37.52 -42.05 -0.86
C GLN G 14 -38.82 -41.28 -0.79
N LEU G 15 -38.88 -40.21 -1.59
CA LEU G 15 -40.03 -39.34 -1.69
C LEU G 15 -40.87 -39.83 -2.86
N LEU G 16 -40.36 -40.84 -3.56
CA LEU G 16 -41.08 -41.39 -4.70
C LEU G 16 -41.38 -42.87 -4.48
N GLN G 17 -41.32 -43.28 -3.22
CA GLN G 17 -41.60 -44.66 -2.83
C GLN G 17 -42.38 -44.64 -1.53
N LYS G 18 -42.89 -43.47 -1.19
CA LYS G 18 -43.69 -43.27 0.01
C LYS G 18 -44.98 -42.56 -0.37
N PRO G 19 -46.14 -43.13 0.02
CA PRO G 19 -47.46 -42.55 -0.28
C PRO G 19 -47.62 -41.15 0.29
N GLN G 20 -47.02 -40.94 1.45
CA GLN G 20 -47.05 -39.66 2.16
C GLN G 20 -47.24 -38.48 1.20
N ASN G 21 -46.27 -38.29 0.32
CA ASN G 21 -46.31 -37.19 -0.64
C ASN G 21 -46.78 -37.63 -2.03
N LYS G 22 -47.90 -38.33 -2.09
CA LYS G 22 -48.43 -38.81 -3.36
C LYS G 22 -49.19 -37.70 -4.09
N HIS G 23 -49.38 -36.58 -3.39
CA HIS G 23 -50.08 -35.42 -3.94
C HIS G 23 -49.15 -34.50 -4.73
N MET G 24 -47.88 -34.47 -4.33
CA MET G 24 -46.86 -33.64 -4.96
C MET G 24 -46.00 -34.44 -5.93
N ILE G 25 -45.55 -35.61 -5.49
CA ILE G 25 -44.70 -36.47 -6.31
C ILE G 25 -45.34 -37.83 -6.51
N CYS G 26 -45.48 -38.25 -7.76
CA CYS G 26 -46.08 -39.53 -8.09
C CYS G 26 -45.43 -40.03 -9.37
N TRP G 27 -45.60 -41.32 -9.66
CA TRP G 27 -45.01 -41.88 -10.87
C TRP G 27 -45.86 -41.59 -12.11
N THR G 28 -45.65 -42.41 -13.12
CA THR G 28 -46.31 -42.36 -14.41
C THR G 28 -45.60 -43.46 -15.18
N SER G 29 -46.37 -44.32 -15.85
CA SER G 29 -45.76 -45.43 -16.57
C SER G 29 -45.07 -46.32 -15.55
N ASN G 30 -44.36 -47.35 -16.03
CA ASN G 30 -43.67 -48.27 -15.14
C ASN G 30 -42.18 -48.33 -15.43
N ASP G 31 -41.76 -47.64 -16.49
CA ASP G 31 -40.36 -47.61 -16.89
C ASP G 31 -39.55 -46.67 -15.99
N GLY G 32 -40.20 -46.10 -14.98
CA GLY G 32 -39.53 -45.19 -14.08
C GLY G 32 -40.06 -43.77 -14.12
N GLN G 33 -40.70 -43.41 -15.22
CA GLN G 33 -41.26 -42.07 -15.42
C GLN G 33 -42.04 -41.58 -14.19
N PHE G 34 -42.21 -40.26 -14.07
CA PHE G 34 -42.93 -39.71 -12.95
C PHE G 34 -43.31 -38.24 -13.12
N LYS G 35 -44.01 -37.70 -12.12
CA LYS G 35 -44.45 -36.32 -12.16
C LYS G 35 -44.43 -35.58 -10.83
N LEU G 36 -44.12 -34.29 -10.91
CA LEU G 36 -44.07 -33.40 -9.76
C LEU G 36 -45.32 -32.52 -9.80
N LEU G 37 -46.38 -33.01 -9.16
CA LEU G 37 -47.64 -32.29 -9.11
C LEU G 37 -47.49 -31.01 -8.31
N GLN G 38 -46.90 -31.14 -7.12
CA GLN G 38 -46.70 -29.98 -6.26
C GLN G 38 -45.21 -29.70 -6.12
N ALA G 39 -44.64 -29.09 -7.15
CA ALA G 39 -43.21 -28.77 -7.18
C ALA G 39 -42.72 -28.00 -5.96
N GLU G 40 -43.03 -26.71 -5.93
CA GLU G 40 -42.61 -25.84 -4.84
C GLU G 40 -42.49 -26.50 -3.47
N GLU G 41 -43.32 -27.51 -3.21
CA GLU G 41 -43.29 -28.21 -1.93
C GLU G 41 -42.25 -29.30 -1.96
N VAL G 42 -42.16 -30.00 -3.09
CA VAL G 42 -41.18 -31.05 -3.23
C VAL G 42 -39.84 -30.41 -2.86
N ALA G 43 -39.55 -29.29 -3.51
CA ALA G 43 -38.33 -28.54 -3.25
C ALA G 43 -38.33 -28.00 -1.83
N ARG G 44 -39.51 -27.85 -1.26
CA ARG G 44 -39.66 -27.36 0.10
C ARG G 44 -39.09 -28.44 1.00
N LEU G 45 -39.35 -29.68 0.61
CA LEU G 45 -38.87 -30.85 1.34
C LEU G 45 -37.37 -30.87 1.15
N TRP G 46 -36.96 -30.70 -0.11
CA TRP G 46 -35.56 -30.68 -0.49
C TRP G 46 -34.78 -29.75 0.42
N GLY G 47 -35.08 -28.46 0.31
CA GLY G 47 -34.40 -27.46 1.13
C GLY G 47 -34.16 -27.90 2.56
N ILE G 48 -35.21 -28.34 3.23
CA ILE G 48 -35.08 -28.80 4.61
C ILE G 48 -33.82 -29.64 4.61
N ARG G 49 -33.75 -30.55 3.66
CA ARG G 49 -32.62 -31.45 3.49
C ARG G 49 -31.51 -30.58 2.90
N LYS G 50 -30.30 -30.67 3.44
CA LYS G 50 -29.20 -29.88 2.93
C LYS G 50 -29.47 -28.40 3.19
N ASN G 51 -29.79 -28.11 4.44
CA ASN G 51 -30.08 -26.76 4.92
C ASN G 51 -30.23 -25.67 3.86
N LYS G 52 -31.11 -25.89 2.89
CA LYS G 52 -31.32 -24.87 1.86
C LYS G 52 -32.73 -24.28 1.98
N PRO G 53 -33.00 -23.59 3.10
CA PRO G 53 -34.30 -22.96 3.36
C PRO G 53 -34.76 -21.99 2.28
N ASN G 54 -33.92 -21.75 1.27
CA ASN G 54 -34.30 -20.84 0.22
C ASN G 54 -34.43 -21.57 -1.09
N MET G 55 -34.71 -22.87 -1.00
CA MET G 55 -34.89 -23.71 -2.17
C MET G 55 -36.21 -23.45 -2.85
N ASN G 56 -36.35 -23.97 -4.05
CA ASN G 56 -37.57 -23.82 -4.82
C ASN G 56 -37.37 -24.45 -6.19
N TYR G 57 -38.48 -24.67 -6.89
CA TYR G 57 -38.46 -25.31 -8.20
C TYR G 57 -37.54 -24.61 -9.23
N ASP G 58 -37.60 -23.28 -9.31
CA ASP G 58 -36.77 -22.56 -10.27
C ASP G 58 -35.32 -22.95 -10.00
N LYS G 59 -35.09 -23.45 -8.79
CA LYS G 59 -33.78 -23.89 -8.39
C LYS G 59 -33.72 -25.41 -8.54
N LEU G 60 -34.42 -26.15 -7.67
CA LEU G 60 -34.41 -27.62 -7.76
C LEU G 60 -34.55 -28.10 -9.21
N SER G 61 -35.26 -27.33 -10.03
CA SER G 61 -35.42 -27.70 -11.43
C SER G 61 -34.05 -27.85 -12.09
N ARG G 62 -33.24 -26.80 -11.98
CA ARG G 62 -31.90 -26.77 -12.57
C ARG G 62 -31.09 -27.99 -12.21
N ALA G 63 -31.12 -28.38 -10.94
CA ALA G 63 -30.40 -29.55 -10.52
C ALA G 63 -30.75 -30.65 -11.51
N LEU G 64 -32.06 -30.89 -11.66
CA LEU G 64 -32.55 -31.91 -12.57
C LEU G 64 -32.05 -31.68 -13.98
N ARG G 65 -32.23 -30.46 -14.46
CA ARG G 65 -31.79 -30.11 -15.82
C ARG G 65 -30.36 -30.57 -16.13
N TYR G 66 -29.47 -30.49 -15.15
CA TYR G 66 -28.10 -30.95 -15.38
C TYR G 66 -28.18 -32.44 -15.61
N TYR G 67 -28.74 -33.17 -14.66
CA TYR G 67 -28.89 -34.61 -14.80
C TYR G 67 -29.17 -34.98 -16.26
N TYR G 68 -29.89 -34.10 -16.96
CA TYR G 68 -30.21 -34.37 -18.36
C TYR G 68 -28.96 -34.84 -19.05
N VAL G 69 -27.93 -33.99 -19.04
CA VAL G 69 -26.69 -34.35 -19.68
C VAL G 69 -25.94 -35.39 -18.87
N LYS G 70 -26.02 -35.31 -17.55
CA LYS G 70 -25.35 -36.28 -16.69
C LYS G 70 -26.07 -37.63 -16.80
N ASN G 71 -27.02 -37.67 -17.71
CA ASN G 71 -27.83 -38.85 -18.01
C ASN G 71 -28.44 -39.63 -16.84
N ILE G 72 -29.11 -38.93 -15.92
CA ILE G 72 -29.74 -39.60 -14.79
C ILE G 72 -31.27 -39.43 -14.81
N ILE G 73 -31.72 -38.32 -15.39
CA ILE G 73 -33.14 -37.99 -15.48
C ILE G 73 -33.39 -37.04 -16.64
N LYS G 74 -34.21 -37.45 -17.60
CA LYS G 74 -34.52 -36.57 -18.73
C LYS G 74 -35.91 -35.96 -18.58
N LYS G 75 -36.28 -35.10 -19.53
CA LYS G 75 -37.58 -34.43 -19.48
C LYS G 75 -38.48 -34.83 -20.63
N VAL G 76 -39.74 -35.14 -20.32
CA VAL G 76 -40.72 -35.55 -21.31
C VAL G 76 -41.35 -34.33 -21.97
N ASN G 77 -41.22 -34.24 -23.30
CA ASN G 77 -41.79 -33.10 -24.02
C ASN G 77 -43.25 -32.91 -23.65
N GLY G 78 -43.59 -31.72 -23.19
CA GLY G 78 -44.96 -31.43 -22.79
C GLY G 78 -45.17 -31.75 -21.32
N GLN G 79 -45.55 -32.99 -21.05
CA GLN G 79 -45.81 -33.48 -19.69
C GLN G 79 -45.23 -32.59 -18.59
N LYS G 80 -45.82 -31.42 -18.41
CA LYS G 80 -45.36 -30.47 -17.40
C LYS G 80 -45.29 -31.12 -16.03
N PHE G 81 -44.11 -31.03 -15.41
CA PHE G 81 -43.85 -31.60 -14.09
C PHE G 81 -43.57 -33.10 -14.20
N VAL G 82 -43.38 -33.59 -15.41
CA VAL G 82 -43.12 -35.00 -15.65
C VAL G 82 -41.73 -35.30 -16.21
N TYR G 83 -40.88 -35.90 -15.38
CA TYR G 83 -39.54 -36.26 -15.81
C TYR G 83 -39.48 -37.80 -15.83
N LYS G 84 -38.27 -38.35 -15.77
CA LYS G 84 -38.11 -39.80 -15.75
C LYS G 84 -36.65 -40.19 -15.59
N PHE G 85 -36.40 -41.25 -14.84
CA PHE G 85 -35.04 -41.73 -14.63
C PHE G 85 -34.61 -42.46 -15.89
N VAL G 86 -33.50 -42.01 -16.48
CA VAL G 86 -32.96 -42.59 -17.70
C VAL G 86 -33.18 -44.09 -17.84
N SER G 87 -32.52 -44.86 -16.99
CA SER G 87 -32.64 -46.31 -17.04
C SER G 87 -33.19 -46.88 -15.74
N TYR G 88 -34.47 -47.25 -15.77
CA TYR G 88 -35.12 -47.82 -14.61
C TYR G 88 -35.56 -49.25 -14.97
N PRO G 89 -35.68 -50.14 -13.97
CA PRO G 89 -35.47 -49.87 -12.53
C PRO G 89 -34.06 -50.25 -12.08
N GLU G 90 -33.17 -50.50 -13.03
CA GLU G 90 -31.79 -50.87 -12.70
C GLU G 90 -31.19 -49.98 -11.64
N ILE G 91 -31.32 -48.67 -11.80
CA ILE G 91 -30.76 -47.73 -10.83
C ILE G 91 -31.50 -47.74 -9.49
N LEU G 92 -31.93 -48.93 -9.06
CA LEU G 92 -32.63 -49.07 -7.80
C LEU G 92 -31.68 -49.52 -6.70
N ASN G 93 -30.95 -50.61 -6.97
CA ASN G 93 -29.98 -51.16 -6.03
C ASN G 93 -30.59 -51.43 -4.65
N MET G 94 -31.78 -52.02 -4.64
CA MET G 94 -32.46 -52.34 -3.39
C MET G 94 -33.64 -53.28 -3.67
N SER G 138 7.96 -32.01 -9.17
CA SER G 138 7.31 -31.93 -10.51
C SER G 138 6.58 -30.60 -10.67
N ARG G 139 6.84 -29.70 -9.72
CA ARG G 139 6.22 -28.37 -9.72
C ARG G 139 6.57 -27.56 -10.95
N ASN G 140 7.84 -27.63 -11.35
CA ASN G 140 8.35 -26.88 -12.49
C ASN G 140 8.05 -27.47 -13.87
N ASP G 141 6.91 -28.15 -13.97
CA ASP G 141 6.49 -28.75 -15.23
C ASP G 141 6.40 -27.68 -16.31
N TYR G 142 5.81 -26.54 -15.95
CA TYR G 142 5.63 -25.41 -16.86
C TYR G 142 6.90 -24.95 -17.54
N ILE G 143 7.99 -24.93 -16.78
CA ILE G 143 9.27 -24.49 -17.32
C ILE G 143 9.67 -25.33 -18.54
N HIS G 144 9.30 -26.60 -18.51
CA HIS G 144 9.63 -27.52 -19.59
C HIS G 144 8.40 -27.93 -20.40
N SER G 145 7.67 -26.94 -20.89
CA SER G 145 6.46 -27.19 -21.66
C SER G 145 6.48 -26.50 -23.02
N GLY G 146 7.58 -25.83 -23.33
CA GLY G 146 7.65 -25.13 -24.60
C GLY G 146 6.59 -24.05 -24.68
N LEU G 147 6.33 -23.43 -23.54
CA LEU G 147 5.33 -22.36 -23.45
C LEU G 147 5.89 -21.27 -22.56
N TYR G 148 6.75 -21.70 -21.64
CA TYR G 148 7.37 -20.80 -20.69
C TYR G 148 8.52 -20.01 -21.31
N SER G 149 8.85 -18.89 -20.68
CA SER G 149 9.90 -18.02 -21.17
C SER G 149 10.19 -16.92 -20.17
N SER G 150 11.41 -16.88 -19.68
CA SER G 150 11.79 -15.84 -18.74
C SER G 150 12.91 -15.05 -19.37
N PHE G 151 13.11 -13.83 -18.90
CA PHE G 151 14.18 -12.99 -19.41
C PHE G 151 14.33 -11.72 -18.61
N THR G 152 14.64 -10.61 -19.27
CA THR G 152 14.82 -9.35 -18.58
C THR G 152 14.27 -8.20 -19.40
N LEU G 153 13.96 -7.10 -18.73
CA LEU G 153 13.43 -5.90 -19.38
C LEU G 153 14.51 -5.23 -20.23
N ASN G 154 15.68 -5.06 -19.62
CA ASN G 154 16.81 -4.44 -20.27
C ASN G 154 17.15 -5.10 -21.60
N SER G 155 17.21 -6.43 -21.59
CA SER G 155 17.53 -7.17 -22.80
C SER G 155 16.62 -6.83 -23.96
N LEU G 156 15.54 -6.11 -23.68
CA LEU G 156 14.59 -5.72 -24.72
C LEU G 156 15.11 -4.53 -25.51
N ASN G 157 16.41 -4.32 -25.46
CA ASN G 157 17.07 -3.21 -26.15
C ASN G 157 16.37 -1.88 -25.88
N SER H 4 36.72 32.16 2.19
CA SER H 4 36.67 32.75 3.57
C SER H 4 35.24 32.81 4.11
N ALA H 5 35.10 32.77 5.43
CA ALA H 5 33.79 32.83 6.07
C ALA H 5 33.11 34.14 5.67
N ILE H 6 32.49 34.13 4.49
CA ILE H 6 31.83 35.32 3.96
C ILE H 6 30.38 35.42 4.40
N THR H 7 29.71 36.48 3.92
CA THR H 7 28.30 36.72 4.23
C THR H 7 27.73 37.58 3.11
N LEU H 8 26.65 38.29 3.38
CA LEU H 8 26.07 39.17 2.37
C LEU H 8 26.33 40.63 2.70
N TRP H 9 25.91 41.04 3.89
CA TRP H 9 26.13 42.42 4.32
C TRP H 9 27.58 42.77 4.01
N GLN H 10 28.48 41.83 4.31
CA GLN H 10 29.90 42.01 4.06
C GLN H 10 30.17 42.08 2.56
N PHE H 11 29.48 41.26 1.78
CA PHE H 11 29.66 41.24 0.34
C PHE H 11 29.32 42.60 -0.24
N LEU H 12 28.06 43.00 -0.07
CA LEU H 12 27.61 44.29 -0.58
C LEU H 12 28.57 45.38 -0.11
N LEU H 13 28.90 45.36 1.18
CA LEU H 13 29.81 46.35 1.72
C LEU H 13 31.11 46.33 0.93
N GLN H 14 31.80 45.20 0.97
CA GLN H 14 33.07 45.02 0.27
C GLN H 14 33.01 45.47 -1.20
N LEU H 15 31.81 45.56 -1.75
CA LEU H 15 31.64 45.97 -3.13
C LEU H 15 31.43 47.48 -3.25
N LEU H 16 30.97 48.10 -2.18
CA LEU H 16 30.74 49.53 -2.17
C LEU H 16 32.07 50.27 -2.00
N GLN H 17 33.15 49.60 -2.34
CA GLN H 17 34.48 50.17 -2.24
C GLN H 17 34.98 50.47 -3.65
N LYS H 18 35.05 49.41 -4.46
CA LYS H 18 35.50 49.53 -5.84
C LYS H 18 34.42 50.19 -6.71
N PRO H 19 34.69 51.41 -7.16
CA PRO H 19 33.77 52.20 -8.01
C PRO H 19 33.39 51.51 -9.32
N GLN H 20 34.09 50.43 -9.65
CA GLN H 20 33.82 49.69 -10.88
C GLN H 20 32.35 49.31 -11.04
N ASN H 21 31.54 49.58 -10.03
CA ASN H 21 30.13 49.25 -10.06
C ASN H 21 29.26 50.49 -9.85
N LYS H 22 29.81 51.66 -10.17
CA LYS H 22 29.10 52.92 -10.00
C LYS H 22 27.90 53.08 -10.92
N HIS H 23 27.29 51.97 -11.30
CA HIS H 23 26.11 52.01 -12.17
C HIS H 23 25.08 51.06 -11.57
N MET H 24 25.49 50.39 -10.50
CA MET H 24 24.64 49.44 -9.80
C MET H 24 24.64 49.69 -8.30
N ILE H 25 25.80 50.00 -7.73
CA ILE H 25 25.88 50.25 -6.30
C ILE H 25 26.84 51.35 -5.89
N CYS H 26 26.29 52.34 -5.18
CA CYS H 26 27.05 53.48 -4.68
C CYS H 26 26.60 53.70 -3.23
N TRP H 27 26.24 54.94 -2.92
CA TRP H 27 25.77 55.27 -1.57
C TRP H 27 24.77 56.42 -1.66
N THR H 28 24.58 57.12 -0.56
CA THR H 28 23.65 58.24 -0.52
C THR H 28 23.83 59.04 0.76
N SER H 29 24.89 58.73 1.49
CA SER H 29 25.19 59.43 2.74
C SER H 29 26.34 58.77 3.50
N ASN H 30 26.96 59.54 4.37
CA ASN H 30 28.06 59.05 5.18
C ASN H 30 27.51 58.59 6.52
N ASP H 31 26.25 58.16 6.51
CA ASP H 31 25.58 57.66 7.70
C ASP H 31 25.40 56.15 7.55
N GLY H 32 25.30 55.70 6.30
CA GLY H 32 25.12 54.29 6.04
C GLY H 32 24.32 53.99 4.78
N GLN H 33 23.34 54.84 4.47
CA GLN H 33 22.49 54.62 3.29
C GLN H 33 23.28 54.25 2.04
N PHE H 34 22.56 53.77 1.04
CA PHE H 34 23.15 53.39 -0.24
C PHE H 34 22.03 52.95 -1.19
N LYS H 35 22.39 52.55 -2.40
CA LYS H 35 21.38 52.15 -3.36
C LYS H 35 21.88 51.20 -4.43
N LEU H 36 20.99 50.33 -4.87
CA LEU H 36 21.29 49.34 -5.90
C LEU H 36 20.73 49.81 -7.23
N LEU H 37 21.46 50.73 -7.86
CA LEU H 37 21.08 51.28 -9.15
C LEU H 37 20.43 50.22 -10.04
N GLN H 38 21.21 49.20 -10.40
CA GLN H 38 20.70 48.11 -11.22
C GLN H 38 20.23 46.94 -10.36
N ALA H 39 20.99 46.67 -9.30
CA ALA H 39 20.68 45.59 -8.37
C ALA H 39 20.77 44.21 -9.00
N GLU H 40 19.85 43.94 -9.92
CA GLU H 40 19.81 42.65 -10.60
C GLU H 40 21.20 42.11 -10.83
N GLU H 41 22.10 42.95 -11.34
CA GLU H 41 23.47 42.53 -11.60
C GLU H 41 24.11 42.11 -10.29
N VAL H 42 24.03 42.97 -9.28
CA VAL H 42 24.60 42.67 -7.97
C VAL H 42 24.15 41.27 -7.60
N ALA H 43 22.93 40.93 -8.02
CA ALA H 43 22.38 39.61 -7.76
C ALA H 43 23.24 38.61 -8.51
N ARG H 44 23.37 38.81 -9.81
CA ARG H 44 24.19 37.92 -10.63
C ARG H 44 25.55 37.84 -9.97
N LEU H 45 25.97 38.96 -9.39
CA LEU H 45 27.25 39.08 -8.72
C LEU H 45 27.20 38.32 -7.39
N TRP H 46 26.00 38.08 -6.91
CA TRP H 46 25.81 37.35 -5.68
C TRP H 46 25.89 35.86 -6.00
N GLY H 47 25.38 35.50 -7.17
CA GLY H 47 25.39 34.12 -7.60
C GLY H 47 26.80 33.56 -7.78
N ILE H 48 27.62 34.25 -8.57
CA ILE H 48 28.99 33.82 -8.80
C ILE H 48 29.61 33.44 -7.47
N ARG H 49 29.17 34.14 -6.43
CA ARG H 49 29.65 33.89 -5.08
C ARG H 49 28.71 32.82 -4.51
N LYS H 50 29.27 31.71 -4.03
CA LYS H 50 28.46 30.63 -3.49
C LYS H 50 27.54 30.15 -4.61
N ASN H 51 28.13 29.51 -5.61
CA ASN H 51 27.42 29.02 -6.78
C ASN H 51 25.90 28.91 -6.66
N LYS H 52 25.23 30.01 -6.93
CA LYS H 52 23.78 30.09 -6.91
C LYS H 52 23.40 30.85 -8.17
N PRO H 53 23.79 30.33 -9.33
CA PRO H 53 23.53 30.90 -10.65
C PRO H 53 22.12 31.43 -10.86
N ASN H 54 21.22 31.06 -9.96
CA ASN H 54 19.84 31.50 -10.07
C ASN H 54 19.59 32.66 -9.12
N MET H 55 20.47 32.81 -8.13
CA MET H 55 20.36 33.88 -7.15
C MET H 55 20.05 35.20 -7.83
N ASN H 56 18.94 35.81 -7.46
CA ASN H 56 18.55 37.08 -8.03
C ASN H 56 18.07 38.02 -6.93
N TYR H 57 17.81 39.27 -7.29
CA TYR H 57 17.37 40.26 -6.30
C TYR H 57 16.19 39.75 -5.46
N ASP H 58 15.14 39.24 -6.09
CA ASP H 58 13.99 38.75 -5.34
C ASP H 58 14.40 37.82 -4.20
N LYS H 59 15.63 37.31 -4.28
CA LYS H 59 16.15 36.42 -3.26
C LYS H 59 17.10 37.18 -2.35
N LEU H 60 18.09 37.84 -2.94
CA LEU H 60 19.04 38.63 -2.16
C LEU H 60 18.23 39.64 -1.34
N SER H 61 17.14 40.12 -1.94
CA SER H 61 16.27 41.07 -1.27
C SER H 61 15.75 40.46 0.01
N ARG H 62 15.07 39.32 -0.10
CA ARG H 62 14.54 38.65 1.07
C ARG H 62 15.71 38.54 2.04
N ALA H 63 16.81 37.96 1.57
CA ALA H 63 18.00 37.82 2.39
C ALA H 63 18.17 39.10 3.20
N LEU H 64 18.20 40.22 2.49
CA LEU H 64 18.34 41.52 3.14
C LEU H 64 17.20 41.72 4.13
N ARG H 65 15.98 41.53 3.66
CA ARG H 65 14.80 41.71 4.50
C ARG H 65 14.98 41.09 5.87
N TYR H 66 15.71 40.00 5.96
CA TYR H 66 15.91 39.40 7.26
C TYR H 66 16.67 40.39 8.14
N TYR H 67 17.80 40.88 7.64
CA TYR H 67 18.60 41.83 8.39
C TYR H 67 17.73 42.79 9.18
N TYR H 68 16.67 43.29 8.55
CA TYR H 68 15.76 44.20 9.23
C TYR H 68 15.56 43.79 10.69
N VAL H 69 15.63 42.49 10.97
CA VAL H 69 15.41 41.99 12.32
C VAL H 69 16.68 41.60 13.07
N LYS H 70 17.79 41.51 12.36
CA LYS H 70 19.06 41.17 12.97
C LYS H 70 19.82 42.49 13.15
N ASN H 71 19.13 43.60 12.87
CA ASN H 71 19.72 44.92 12.98
C ASN H 71 21.08 44.94 12.30
N ILE H 72 21.10 44.57 11.03
CA ILE H 72 22.32 44.54 10.24
C ILE H 72 22.10 45.48 9.06
N ILE H 73 20.84 45.62 8.68
CA ILE H 73 20.46 46.49 7.56
C ILE H 73 18.99 46.87 7.70
N LYS H 74 18.69 48.13 7.40
CA LYS H 74 17.32 48.61 7.48
C LYS H 74 16.91 48.97 6.06
N LYS H 75 15.67 49.41 5.90
CA LYS H 75 15.17 49.78 4.58
C LYS H 75 14.91 51.26 4.52
N VAL H 76 15.38 51.90 3.45
CA VAL H 76 15.17 53.32 3.27
C VAL H 76 13.80 53.46 2.64
N ASN H 77 12.80 53.67 3.49
CA ASN H 77 11.42 53.82 3.06
C ASN H 77 11.32 54.78 1.87
N GLY H 78 10.16 54.79 1.22
CA GLY H 78 9.93 55.67 0.09
C GLY H 78 10.73 55.34 -1.15
N GLN H 79 12.01 55.72 -1.15
CA GLN H 79 12.88 55.46 -2.29
C GLN H 79 13.15 53.98 -2.50
N LYS H 80 13.15 53.55 -3.76
CA LYS H 80 13.40 52.16 -4.11
C LYS H 80 14.87 51.82 -3.99
N PHE H 81 15.19 50.55 -4.24
CA PHE H 81 16.55 50.02 -4.18
C PHE H 81 17.49 50.68 -3.18
N VAL H 82 16.95 51.27 -2.12
CA VAL H 82 17.81 51.92 -1.14
C VAL H 82 17.66 51.37 0.26
N TYR H 83 18.80 51.07 0.89
CA TYR H 83 18.81 50.56 2.25
C TYR H 83 19.78 51.35 3.08
N LYS H 84 20.15 50.83 4.25
CA LYS H 84 21.04 51.55 5.15
C LYS H 84 21.57 50.66 6.26
N PHE H 85 22.89 50.47 6.32
CA PHE H 85 23.46 49.62 7.38
C PHE H 85 23.24 50.27 8.74
N VAL H 86 22.50 49.55 9.60
CA VAL H 86 22.17 50.00 10.95
C VAL H 86 23.18 50.97 11.57
N SER H 87 24.34 50.45 11.94
CA SER H 87 25.37 51.29 12.53
C SER H 87 26.55 51.36 11.57
N TYR H 88 26.77 52.55 11.03
CA TYR H 88 27.83 52.80 10.07
C TYR H 88 28.64 54.02 10.50
N PRO H 89 29.97 54.00 10.29
CA PRO H 89 30.69 52.84 9.73
C PRO H 89 31.36 52.04 10.83
N GLU H 90 30.70 51.99 11.99
CA GLU H 90 31.24 51.25 13.14
C GLU H 90 31.59 49.82 12.77
N ILE H 91 30.92 49.28 11.75
CA ILE H 91 31.18 47.91 11.34
C ILE H 91 32.39 47.82 10.42
N LEU H 92 32.62 48.87 9.63
CA LEU H 92 33.75 48.90 8.71
C LEU H 92 35.07 48.57 9.41
N ASN H 93 35.47 49.44 10.34
CA ASN H 93 36.71 49.28 11.10
C ASN H 93 37.93 49.22 10.20
N MET H 94 37.75 49.61 8.94
CA MET H 94 38.83 49.60 7.96
C MET H 94 38.76 50.80 7.03
N SER H 138 22.46 13.20 31.60
CA SER H 138 20.98 13.05 31.52
C SER H 138 20.47 12.97 30.09
N ARG H 139 19.72 11.92 29.78
CA ARG H 139 19.17 11.72 28.45
C ARG H 139 17.65 11.52 28.55
N ASN H 140 17.22 10.87 29.62
CA ASN H 140 15.81 10.59 29.85
C ASN H 140 15.13 11.71 30.65
N ASP H 141 15.57 12.95 30.43
CA ASP H 141 15.02 14.10 31.12
C ASP H 141 13.54 14.30 30.80
N TYR H 142 13.09 13.70 29.69
CA TYR H 142 11.70 13.79 29.28
C TYR H 142 10.84 12.98 30.26
N ILE H 143 11.44 11.94 30.84
CA ILE H 143 10.75 11.08 31.80
C ILE H 143 10.45 11.84 33.08
N HIS H 144 11.40 12.65 33.51
CA HIS H 144 11.25 13.43 34.74
C HIS H 144 10.81 14.87 34.42
N SER H 145 10.21 15.04 33.24
CA SER H 145 9.72 16.35 32.82
C SER H 145 8.34 16.57 33.39
N GLY H 146 7.66 15.47 33.71
CA GLY H 146 6.32 15.56 34.26
C GLY H 146 5.28 15.53 33.17
N LEU H 147 5.72 15.20 31.96
CA LEU H 147 4.82 15.14 30.80
C LEU H 147 4.85 13.76 30.19
N TYR H 148 5.76 12.92 30.67
CA TYR H 148 5.91 11.56 30.16
C TYR H 148 4.99 10.55 30.87
N SER H 149 4.64 9.48 30.17
CA SER H 149 3.77 8.45 30.71
C SER H 149 4.02 7.10 30.05
N SER H 150 3.63 6.03 30.75
CA SER H 150 3.80 4.66 30.27
C SER H 150 2.79 3.74 30.96
N PHE H 151 2.09 2.94 30.16
CA PHE H 151 1.09 2.03 30.68
C PHE H 151 0.75 0.95 29.66
N THR H 152 0.23 -0.19 30.13
CA THR H 152 -0.13 -1.30 29.24
C THR H 152 -1.25 -0.91 28.29
N LEU H 153 -1.22 -1.48 27.08
CA LEU H 153 -2.23 -1.19 26.08
C LEU H 153 -3.57 -1.59 26.66
N ASN H 154 -3.58 -2.78 27.27
CA ASN H 154 -4.79 -3.31 27.89
C ASN H 154 -5.41 -2.22 28.74
N SER H 155 -4.71 -1.82 29.80
CA SER H 155 -5.21 -0.77 30.68
C SER H 155 -5.66 0.45 29.88
#